data_7BEA
#
_entry.id   7BEA
#
_cell.length_a   32.617
_cell.length_b   54.616
_cell.length_c   140.962
_cell.angle_alpha   90.000
_cell.angle_beta   90.000
_cell.angle_gamma   90.000
#
_symmetry.space_group_name_H-M   'P 2 21 21'
#
loop_
_entity.id
_entity.type
_entity.pdbx_description
1 polymer 'Programmed cell death 1 ligand 1'
2 non-polymer 2-(aminomethyl)-6-[(2-methyl-3-phenyl-phenyl)methoxy]-~{N}-(2-phenylethyl)imidazo[1,2-a]pyridin-3-amine
3 water water
#
_entity_poly.entity_id   1
_entity_poly.type   'polypeptide(L)'
_entity_poly.pdbx_seq_one_letter_code
;AFTVTVPKDLYVVEYGSNMTIECKFPVEKQLDLAALIVYWEMEDKNIIQFVHGEEDLKVQHSSYRQRARLLKDQLSLGNA
ALQITDVKLQDAGVYRCMISYGGADYKRITVKVNAPYAAALEHHHHHH
;
_entity_poly.pdbx_strand_id   A,B
#
# COMPACT_ATOMS: atom_id res chain seq x y z
N ALA A 1 12.24 -13.38 9.09
CA ALA A 1 11.39 -12.23 8.73
C ALA A 1 11.49 -11.94 7.22
N PHE A 2 10.84 -10.86 6.81
CA PHE A 2 10.97 -10.33 5.47
C PHE A 2 10.86 -8.83 5.61
N THR A 3 11.91 -8.14 5.16
CA THR A 3 11.98 -6.71 5.26
C THR A 3 12.40 -6.12 3.92
N VAL A 4 11.64 -5.11 3.49
CA VAL A 4 12.05 -4.25 2.42
C VAL A 4 12.82 -3.12 3.08
N THR A 5 14.02 -2.85 2.54
CA THR A 5 14.79 -1.71 2.95
C THR A 5 14.95 -0.78 1.76
N VAL A 6 15.21 0.49 2.11
CA VAL A 6 15.42 1.58 1.16
C VAL A 6 16.68 2.32 1.62
N PRO A 7 17.74 2.36 0.80
CA PRO A 7 18.96 3.06 1.19
C PRO A 7 18.73 4.57 1.35
N LYS A 8 17.82 5.12 0.53
CA LYS A 8 17.37 6.50 0.67
C LYS A 8 15.88 6.54 0.84
N ASP A 9 15.42 7.29 1.84
CA ASP A 9 13.99 7.55 2.00
C ASP A 9 13.63 8.95 1.53
N LEU A 10 14.64 9.68 1.03
CA LEU A 10 14.45 11.01 0.44
C LEU A 10 15.30 11.14 -0.83
N TYR A 11 14.67 11.57 -1.93
CA TYR A 11 15.37 11.95 -3.15
C TYR A 11 15.03 13.39 -3.55
N VAL A 12 16.06 14.16 -3.88
CA VAL A 12 15.91 15.50 -4.43
C VAL A 12 16.33 15.49 -5.89
N VAL A 13 15.35 15.64 -6.79
CA VAL A 13 15.60 15.60 -8.22
C VAL A 13 15.28 16.93 -8.90
N GLU A 14 16.04 17.26 -9.95
CA GLU A 14 15.81 18.42 -10.77
C GLU A 14 14.78 18.08 -11.85
N TYR A 15 13.78 18.95 -11.99
CA TYR A 15 12.80 18.91 -13.08
C TYR A 15 13.47 18.55 -14.39
N GLY A 16 12.86 17.64 -15.15
CA GLY A 16 13.33 17.29 -16.48
C GLY A 16 14.33 16.14 -16.60
N SER A 17 14.98 15.79 -15.48
CA SER A 17 15.96 14.72 -15.47
C SER A 17 15.24 13.39 -15.25
N ASN A 18 16.02 12.30 -15.24
CA ASN A 18 15.52 10.98 -14.89
C ASN A 18 15.80 10.72 -13.42
N MET A 19 15.00 9.82 -12.83
CA MET A 19 15.06 9.50 -11.43
C MET A 19 14.99 7.98 -11.28
N THR A 20 15.79 7.44 -10.35
CA THR A 20 15.78 6.01 -10.06
C THR A 20 15.73 5.77 -8.57
N ILE A 21 14.66 5.12 -8.13
CA ILE A 21 14.33 4.96 -6.74
C ILE A 21 14.36 3.48 -6.41
N GLU A 22 15.07 3.12 -5.33
CA GLU A 22 15.35 1.72 -5.00
C GLU A 22 14.63 1.21 -3.75
N CYS A 23 14.27 -0.08 -3.83
CA CYS A 23 13.66 -0.81 -2.70
C CYS A 23 14.32 -2.20 -2.66
N LYS A 24 14.94 -2.56 -1.54
CA LYS A 24 15.72 -3.81 -1.54
C LYS A 24 14.94 -4.91 -0.80
N PHE A 25 14.88 -6.09 -1.40
CA PHE A 25 14.20 -7.24 -0.77
C PHE A 25 15.21 -8.40 -0.68
N PRO A 26 15.17 -9.19 0.40
CA PRO A 26 16.12 -10.27 0.57
C PRO A 26 15.95 -11.33 -0.52
N VAL A 27 17.05 -11.68 -1.18
CA VAL A 27 17.06 -12.72 -2.24
C VAL A 27 18.24 -13.65 -1.99
N GLU A 28 18.02 -14.74 -1.28
CA GLU A 28 19.11 -15.71 -1.02
C GLU A 28 19.09 -16.76 -2.13
N LYS A 29 20.21 -16.84 -2.87
CA LYS A 29 20.46 -17.77 -4.01
C LYS A 29 19.62 -17.34 -5.23
N GLN A 30 19.40 -18.25 -6.18
CA GLN A 30 18.63 -17.92 -7.40
C GLN A 30 17.25 -17.35 -7.04
N LEU A 31 16.79 -16.36 -7.82
CA LEU A 31 15.51 -15.68 -7.58
C LEU A 31 14.34 -16.46 -8.18
N ASP A 32 13.23 -16.49 -7.44
CA ASP A 32 12.00 -17.19 -7.86
C ASP A 32 11.02 -16.19 -8.49
N LEU A 33 11.17 -15.89 -9.78
CA LEU A 33 10.36 -14.93 -10.55
C LEU A 33 8.86 -15.06 -10.31
N ALA A 34 8.31 -16.27 -10.20
CA ALA A 34 6.84 -16.43 -10.02
C ALA A 34 6.39 -16.09 -8.59
N ALA A 35 7.32 -15.97 -7.64
CA ALA A 35 6.94 -15.65 -6.25
C ALA A 35 6.90 -14.13 -6.06
N LEU A 36 7.57 -13.38 -6.93
CA LEU A 36 7.73 -11.91 -6.81
C LEU A 36 6.53 -11.12 -7.30
N ILE A 37 6.09 -10.19 -6.47
CA ILE A 37 5.00 -9.23 -6.80
C ILE A 37 5.50 -7.86 -6.35
N VAL A 38 5.70 -6.93 -7.30
CA VAL A 38 6.18 -5.57 -6.95
C VAL A 38 5.15 -4.53 -7.38
N TYR A 39 4.73 -3.67 -6.46
CA TYR A 39 3.80 -2.58 -6.80
C TYR A 39 4.50 -1.26 -6.46
N TRP A 40 4.64 -0.38 -7.43
CA TRP A 40 5.21 0.96 -7.17
C TRP A 40 4.05 1.94 -7.18
N GLU A 41 3.90 2.75 -6.14
CA GLU A 41 2.76 3.68 -6.08
C GLU A 41 3.22 5.04 -5.57
N MET A 42 2.60 6.10 -6.08
CA MET A 42 2.83 7.47 -5.58
C MET A 42 1.45 7.97 -5.15
N GLU A 43 1.35 8.51 -3.94
CA GLU A 43 0.04 8.93 -3.37
C GLU A 43 -0.88 7.72 -3.49
N ASP A 44 -1.98 7.83 -4.21
CA ASP A 44 -2.84 6.64 -4.36
C ASP A 44 -2.93 6.32 -5.84
N LYS A 45 -1.89 6.65 -6.58
CA LYS A 45 -1.91 6.37 -8.03
C LYS A 45 -0.89 5.28 -8.31
N ASN A 46 -1.31 4.24 -9.00
CA ASN A 46 -0.39 3.12 -9.33
C ASN A 46 0.60 3.59 -10.39
N ILE A 47 1.87 3.24 -10.22
CA ILE A 47 2.91 3.57 -11.23
C ILE A 47 3.32 2.26 -11.90
N ILE A 48 3.61 1.24 -11.11
CA ILE A 48 4.06 -0.05 -11.69
C ILE A 48 3.42 -1.21 -10.94
N GLN A 49 2.90 -2.18 -11.67
CA GLN A 49 2.41 -3.45 -11.07
C GLN A 49 3.31 -4.51 -11.69
N PHE A 50 3.92 -5.37 -10.88
CA PHE A 50 4.83 -6.39 -11.46
C PHE A 50 4.49 -7.76 -10.90
N VAL A 51 3.76 -8.54 -11.68
CA VAL A 51 3.32 -9.89 -11.26
C VAL A 51 3.56 -10.84 -12.45
N HIS A 52 3.86 -12.12 -12.18
CA HIS A 52 4.15 -13.18 -13.17
C HIS A 52 5.41 -12.80 -13.95
N GLY A 53 6.38 -12.18 -13.29
CA GLY A 53 7.66 -11.79 -13.93
C GLY A 53 7.48 -10.88 -15.13
N GLU A 54 6.50 -9.97 -15.09
CA GLU A 54 6.28 -9.08 -16.25
C GLU A 54 5.56 -7.82 -15.79
N GLU A 55 5.97 -6.67 -16.29
CA GLU A 55 5.38 -5.38 -15.90
C GLU A 55 3.92 -5.33 -16.34
N ASP A 56 3.04 -4.97 -15.44
CA ASP A 56 1.62 -4.84 -15.80
C ASP A 56 1.27 -3.36 -15.64
N LEU A 57 1.00 -2.67 -16.74
CA LEU A 57 0.72 -1.22 -16.62
C LEU A 57 -0.75 -0.96 -16.94
N LYS A 58 -1.61 -1.97 -16.77
CA LYS A 58 -3.05 -1.82 -17.09
C LYS A 58 -3.77 -0.92 -16.08
N VAL A 59 -3.22 -0.77 -14.87
CA VAL A 59 -3.81 0.07 -13.81
C VAL A 59 -2.93 1.31 -13.62
N GLN A 60 -1.94 1.50 -14.50
CA GLN A 60 -1.01 2.65 -14.39
C GLN A 60 -1.72 3.98 -14.60
N HIS A 61 -1.65 4.85 -13.60
CA HIS A 61 -2.27 6.20 -13.64
C HIS A 61 -1.76 7.00 -14.84
N SER A 62 -2.63 7.82 -15.44
CA SER A 62 -2.32 8.60 -16.68
C SER A 62 -1.02 9.40 -16.57
N SER A 63 -0.71 9.99 -15.42
CA SER A 63 0.50 10.82 -15.21
C SER A 63 1.78 10.08 -15.58
N TYR A 64 1.87 8.80 -15.22
CA TYR A 64 3.13 8.03 -15.43
C TYR A 64 3.17 7.36 -16.80
N ARG A 65 2.19 7.63 -17.65
CA ARG A 65 2.15 7.03 -19.01
C ARG A 65 3.48 7.34 -19.70
N GLN A 66 4.18 6.30 -20.12
CA GLN A 66 5.46 6.33 -20.87
C GLN A 66 6.64 6.88 -20.08
N ARG A 67 6.56 7.04 -18.77
CA ARG A 67 7.75 7.56 -18.05
C ARG A 67 8.15 6.61 -16.92
N ALA A 68 7.41 5.53 -16.69
CA ALA A 68 7.70 4.59 -15.58
C ALA A 68 8.14 3.23 -16.10
N ARG A 69 9.20 2.69 -15.53
CA ARG A 69 9.75 1.36 -15.92
C ARG A 69 10.43 0.75 -14.71
N LEU A 70 10.27 -0.54 -14.51
CA LEU A 70 10.93 -1.25 -13.40
C LEU A 70 12.18 -1.90 -14.00
N LEU A 71 13.34 -1.64 -13.44
CA LEU A 71 14.59 -2.24 -13.98
C LEU A 71 14.61 -3.70 -13.60
N LYS A 72 14.23 -4.55 -14.56
CA LYS A 72 14.09 -6.01 -14.37
C LYS A 72 15.45 -6.68 -14.14
N ASP A 73 16.52 -6.12 -14.65
CA ASP A 73 17.85 -6.76 -14.49
C ASP A 73 18.33 -6.68 -13.04
N GLN A 74 17.90 -5.69 -12.27
CA GLN A 74 18.38 -5.55 -10.87
C GLN A 74 17.53 -6.40 -9.92
N LEU A 75 16.48 -7.03 -10.41
CA LEU A 75 15.58 -7.90 -9.60
C LEU A 75 16.34 -9.11 -9.04
N SER A 76 17.35 -9.62 -9.75
CA SER A 76 18.16 -10.79 -9.32
C SER A 76 19.03 -10.44 -8.11
N LEU A 77 19.38 -9.17 -7.94
CA LEU A 77 20.22 -8.71 -6.80
C LEU A 77 19.33 -8.27 -5.63
N GLY A 78 18.01 -8.43 -5.78
CA GLY A 78 17.08 -8.05 -4.72
C GLY A 78 16.88 -6.55 -4.73
N ASN A 79 16.80 -5.99 -5.92
CA ASN A 79 16.65 -4.51 -6.06
C ASN A 79 15.45 -4.20 -6.95
N ALA A 80 14.36 -3.74 -6.35
CA ALA A 80 13.19 -3.33 -7.14
C ALA A 80 13.33 -1.83 -7.42
N ALA A 81 13.99 -1.49 -8.51
CA ALA A 81 14.25 -0.06 -8.80
C ALA A 81 13.22 0.49 -9.78
N LEU A 82 12.56 1.57 -9.39
CA LEU A 82 11.60 2.26 -10.28
C LEU A 82 12.36 3.41 -10.92
N GLN A 83 12.28 3.50 -12.24
CA GLN A 83 12.97 4.62 -12.92
C GLN A 83 11.91 5.51 -13.52
N ILE A 84 11.92 6.79 -13.17
CA ILE A 84 10.98 7.77 -13.78
C ILE A 84 11.80 8.69 -14.68
N THR A 85 11.36 8.87 -15.92
CA THR A 85 12.05 9.77 -16.87
C THR A 85 11.31 11.10 -16.93
N ASP A 86 11.99 12.16 -17.41
CA ASP A 86 11.41 13.52 -17.56
C ASP A 86 10.63 13.90 -16.31
N VAL A 87 11.32 14.02 -15.18
CA VAL A 87 10.63 14.29 -13.90
C VAL A 87 9.82 15.59 -13.94
N LYS A 88 8.58 15.53 -13.50
CA LYS A 88 7.65 16.67 -13.44
C LYS A 88 7.55 17.17 -12.00
N LEU A 89 6.87 18.30 -11.79
CA LEU A 89 6.66 18.88 -10.44
C LEU A 89 5.54 18.10 -9.74
N GLN A 90 4.68 17.45 -10.52
CA GLN A 90 3.58 16.57 -10.04
C GLN A 90 4.13 15.23 -9.56
N ASP A 91 5.38 14.90 -9.89
CA ASP A 91 6.08 13.69 -9.45
C ASP A 91 6.60 13.86 -8.01
N ALA A 92 6.61 15.09 -7.49
CA ALA A 92 7.03 15.31 -6.10
C ALA A 92 5.99 14.68 -5.19
N GLY A 93 6.42 14.06 -4.09
CA GLY A 93 5.45 13.43 -3.18
C GLY A 93 6.03 12.19 -2.50
N VAL A 94 5.16 11.39 -1.90
CA VAL A 94 5.58 10.15 -1.18
C VAL A 94 5.30 8.94 -2.05
N TYR A 95 6.33 8.14 -2.31
CA TYR A 95 6.21 6.92 -3.12
C TYR A 95 6.13 5.72 -2.18
N ARG A 96 5.50 4.66 -2.65
CA ARG A 96 5.45 3.43 -1.84
C ARG A 96 5.88 2.26 -2.70
N CYS A 97 6.72 1.39 -2.16
CA CYS A 97 7.12 0.18 -2.92
C CYS A 97 6.71 -1.03 -2.09
N MET A 98 5.68 -1.72 -2.56
CA MET A 98 5.10 -2.86 -1.88
C MET A 98 5.62 -4.11 -2.58
N ILE A 99 6.29 -4.98 -1.81
CA ILE A 99 6.92 -6.18 -2.34
C ILE A 99 6.47 -7.43 -1.59
N SER A 100 6.04 -8.43 -2.35
CA SER A 100 5.70 -9.76 -1.87
C SER A 100 6.68 -10.75 -2.51
N TYR A 101 7.43 -11.47 -1.67
CA TYR A 101 8.38 -12.50 -2.11
C TYR A 101 8.66 -13.45 -0.93
N GLY A 102 7.65 -14.25 -0.58
CA GLY A 102 7.63 -15.06 0.61
C GLY A 102 6.86 -14.27 1.63
N GLY A 103 7.57 -13.41 2.38
CA GLY A 103 6.95 -12.41 3.23
C GLY A 103 6.51 -11.24 2.39
N ALA A 104 6.09 -10.17 3.07
CA ALA A 104 5.63 -8.94 2.43
C ALA A 104 5.96 -7.75 3.32
N ASP A 105 6.23 -6.61 2.68
CA ASP A 105 6.58 -5.40 3.38
C ASP A 105 6.48 -4.23 2.44
N TYR A 106 6.55 -3.02 2.99
CA TYR A 106 6.58 -1.81 2.19
C TYR A 106 7.42 -0.77 2.85
N LYS A 107 7.89 0.16 2.01
CA LYS A 107 8.64 1.30 2.47
C LYS A 107 8.16 2.49 1.70
N ARG A 108 8.23 3.65 2.37
CA ARG A 108 7.85 4.92 1.81
C ARG A 108 9.12 5.66 1.44
N ILE A 109 9.06 6.39 0.33
CA ILE A 109 10.15 7.25 -0.12
C ILE A 109 9.59 8.61 -0.50
N THR A 110 10.22 9.67 0.00
CA THR A 110 9.85 11.03 -0.33
C THR A 110 10.72 11.53 -1.46
N VAL A 111 10.06 12.04 -2.51
CA VAL A 111 10.68 12.66 -3.66
C VAL A 111 10.35 14.15 -3.66
N LYS A 112 11.39 14.97 -3.72
CA LYS A 112 11.28 16.42 -3.82
C LYS A 112 11.83 16.85 -5.19
N VAL A 113 11.10 17.76 -5.86
CA VAL A 113 11.45 18.22 -7.21
C VAL A 113 11.83 19.69 -7.19
N ASN A 114 13.10 19.96 -7.54
CA ASN A 114 13.57 21.32 -7.74
C ASN A 114 13.28 21.70 -9.19
N ALA A 115 12.86 22.95 -9.42
CA ALA A 115 12.50 23.43 -10.74
C ALA A 115 12.82 24.90 -10.93
N PRO A 116 13.20 25.32 -12.16
CA PRO A 116 13.40 26.75 -12.45
C PRO A 116 12.02 27.41 -12.58
N TYR A 117 12.01 28.75 -12.50
CA TYR A 117 10.80 29.56 -12.53
C TYR A 117 9.79 29.18 -13.63
N ALA A 118 10.26 29.15 -14.89
CA ALA A 118 9.39 28.90 -16.04
C ALA A 118 8.59 27.60 -15.90
N ALA A 119 9.27 26.51 -15.52
CA ALA A 119 8.61 25.24 -15.30
C ALA A 119 7.61 25.37 -14.14
N ALA A 120 8.04 26.08 -13.08
CA ALA A 120 7.22 26.20 -11.88
C ALA A 120 5.96 27.01 -12.20
N LEU A 121 6.16 28.11 -12.94
CA LEU A 121 5.09 29.03 -13.28
C LEU A 121 3.99 28.42 -14.15
N GLU A 122 4.37 27.48 -15.04
CA GLU A 122 3.42 26.73 -15.85
C GLU A 122 2.59 25.78 -14.99
N HIS A 123 3.27 24.96 -14.19
CA HIS A 123 2.62 24.05 -13.26
C HIS A 123 1.69 24.81 -12.30
N HIS A 124 2.17 25.96 -11.82
CA HIS A 124 1.36 26.86 -10.98
C HIS A 124 0.08 27.29 -11.71
N HIS A 125 0.24 27.83 -12.93
CA HIS A 125 -0.88 28.31 -13.73
C HIS A 125 -1.52 27.18 -14.56
N HIS A 126 -2.41 26.42 -13.91
CA HIS A 126 -3.23 25.34 -14.49
C HIS A 126 -3.57 24.42 -13.34
N ALA B 1 -3.56 -14.13 -11.35
CA ALA B 1 -4.23 -12.81 -11.28
C ALA B 1 -4.78 -12.45 -9.88
N PHE B 2 -4.24 -13.08 -8.82
CA PHE B 2 -4.73 -12.92 -7.47
C PHE B 2 -5.23 -11.49 -7.24
N THR B 3 -6.48 -11.35 -6.80
CA THR B 3 -7.13 -10.06 -6.67
C THR B 3 -7.85 -9.92 -5.33
N VAL B 4 -7.61 -8.82 -4.64
CA VAL B 4 -8.41 -8.42 -3.50
C VAL B 4 -9.51 -7.56 -4.04
N THR B 5 -10.75 -7.87 -3.63
CA THR B 5 -11.89 -7.05 -3.95
C THR B 5 -12.53 -6.60 -2.66
N VAL B 6 -13.31 -5.53 -2.78
CA VAL B 6 -14.00 -4.86 -1.68
C VAL B 6 -15.42 -4.62 -2.17
N PRO B 7 -16.45 -5.08 -1.44
CA PRO B 7 -17.83 -4.78 -1.84
C PRO B 7 -18.11 -3.28 -1.80
N LYS B 8 -17.52 -2.58 -0.84
CA LYS B 8 -17.65 -1.14 -0.71
C LYS B 8 -16.27 -0.53 -0.61
N ASP B 9 -16.05 0.54 -1.38
CA ASP B 9 -14.83 1.34 -1.28
C ASP B 9 -15.07 2.64 -0.51
N LEU B 10 -16.31 2.84 -0.07
CA LEU B 10 -16.72 3.95 0.76
C LEU B 10 -17.67 3.49 1.87
N TYR B 11 -17.37 3.86 3.12
CA TYR B 11 -18.27 3.67 4.26
C TYR B 11 -18.59 5.01 4.92
N VAL B 12 -19.88 5.24 5.20
CA VAL B 12 -20.34 6.39 5.96
C VAL B 12 -20.89 5.93 7.31
N VAL B 13 -20.16 6.21 8.39
CA VAL B 13 -20.51 5.73 9.72
C VAL B 13 -20.80 6.88 10.69
N GLU B 14 -21.72 6.65 11.62
CA GLU B 14 -22.07 7.60 12.66
C GLU B 14 -21.16 7.44 13.87
N TYR B 15 -20.58 8.56 14.33
CA TYR B 15 -19.75 8.61 15.54
C TYR B 15 -20.34 7.72 16.65
N GLY B 16 -19.46 6.94 17.31
CA GLY B 16 -19.84 6.14 18.45
C GLY B 16 -20.32 4.71 18.17
N SER B 17 -20.65 4.42 16.90
CA SER B 17 -21.12 3.13 16.49
C SER B 17 -19.94 2.20 16.22
N ASN B 18 -20.24 0.95 15.88
CA ASN B 18 -19.24 -0.01 15.45
C ASN B 18 -19.23 -0.05 13.94
N MET B 19 -18.09 -0.42 13.36
CA MET B 19 -17.86 -0.42 11.92
C MET B 19 -17.20 -1.72 11.52
N THR B 20 -17.60 -2.28 10.37
CA THR B 20 -16.97 -3.47 9.83
C THR B 20 -16.70 -3.30 8.35
N ILE B 21 -15.41 -3.39 8.00
CA ILE B 21 -14.90 -3.08 6.69
C ILE B 21 -14.32 -4.33 6.09
N GLU B 22 -14.73 -4.67 4.86
CA GLU B 22 -14.41 -5.97 4.26
C GLU B 22 -13.43 -5.91 3.09
N CYS B 23 -12.49 -6.87 3.06
CA CYS B 23 -11.71 -7.19 1.86
C CYS B 23 -11.89 -8.68 1.62
N LYS B 24 -12.19 -9.04 0.36
CA LYS B 24 -12.32 -10.41 -0.05
C LYS B 24 -11.12 -10.82 -0.88
N PHE B 25 -10.73 -12.09 -0.73
CA PHE B 25 -9.66 -12.67 -1.51
C PHE B 25 -10.02 -14.11 -1.87
N PRO B 26 -9.61 -14.63 -3.04
CA PRO B 26 -10.03 -15.95 -3.49
C PRO B 26 -9.62 -17.02 -2.50
N VAL B 27 -10.58 -17.86 -2.08
CA VAL B 27 -10.38 -19.03 -1.25
C VAL B 27 -11.35 -20.12 -1.71
N GLU B 28 -10.83 -21.07 -2.50
CA GLU B 28 -11.57 -22.25 -2.92
C GLU B 28 -11.50 -23.34 -1.84
N LYS B 29 -10.28 -23.68 -1.40
CA LYS B 29 -10.04 -24.80 -0.48
C LYS B 29 -10.24 -24.42 1.00
N GLN B 30 -10.14 -25.44 1.86
CA GLN B 30 -9.71 -25.28 3.24
C GLN B 30 -8.44 -24.42 3.21
N LEU B 31 -8.40 -23.40 4.06
CA LEU B 31 -7.41 -22.35 4.02
C LEU B 31 -6.04 -22.77 4.55
N ASP B 32 -4.97 -22.37 3.84
CA ASP B 32 -3.57 -22.59 4.25
C ASP B 32 -3.01 -21.40 5.08
N LEU B 33 -3.23 -21.42 6.40
CA LEU B 33 -2.67 -20.38 7.32
C LEU B 33 -1.13 -20.44 7.31
N ALA B 34 -0.48 -19.34 7.66
CA ALA B 34 1.01 -19.26 7.59
C ALA B 34 1.44 -19.61 6.17
N ALA B 35 0.81 -18.82 5.31
CA ALA B 35 0.87 -18.70 3.84
C ALA B 35 -0.02 -17.50 3.49
N LEU B 36 -0.82 -17.07 4.48
CA LEU B 36 -1.78 -15.94 4.49
C LEU B 36 -1.20 -14.82 5.34
N ILE B 37 -1.17 -13.62 4.79
CA ILE B 37 -0.68 -12.40 5.50
C ILE B 37 -1.73 -11.32 5.27
N VAL B 38 -2.33 -10.82 6.32
CA VAL B 38 -3.31 -9.75 6.25
C VAL B 38 -2.79 -8.54 7.03
N TYR B 39 -2.69 -7.40 6.32
CA TYR B 39 -2.25 -6.13 6.90
C TYR B 39 -3.33 -5.12 6.67
N TRP B 40 -3.85 -4.55 7.75
CA TRP B 40 -4.83 -3.47 7.69
C TRP B 40 -4.16 -2.21 8.20
N GLU B 41 -4.44 -1.08 7.55
CA GLU B 41 -3.82 0.19 7.91
C GLU B 41 -4.69 1.35 7.53
N MET B 42 -4.62 2.42 8.31
CA MET B 42 -5.34 3.69 8.04
C MET B 42 -4.28 4.80 8.02
N GLU B 43 -4.31 5.66 7.01
CA GLU B 43 -3.24 6.59 6.67
C GLU B 43 -1.94 5.80 6.72
N ASP B 44 -1.04 6.10 7.67
CA ASP B 44 0.23 5.37 7.77
C ASP B 44 0.35 4.61 9.08
N LYS B 45 -0.79 4.32 9.69
CA LYS B 45 -0.83 3.72 11.00
C LYS B 45 -1.31 2.29 10.84
N ASN B 46 -0.50 1.33 11.30
CA ASN B 46 -0.94 -0.05 11.35
C ASN B 46 -2.12 -0.20 12.29
N ILE B 47 -3.16 -0.94 11.86
CA ILE B 47 -4.29 -1.31 12.68
C ILE B 47 -4.19 -2.78 13.07
N ILE B 48 -3.96 -3.63 12.06
CA ILE B 48 -3.88 -5.07 12.26
C ILE B 48 -2.76 -5.64 11.40
N GLN B 49 -2.01 -6.57 11.98
CA GLN B 49 -1.07 -7.38 11.27
C GLN B 49 -1.49 -8.82 11.57
N PHE B 50 -1.53 -9.64 10.53
CA PHE B 50 -1.82 -11.05 10.68
C PHE B 50 -0.92 -11.88 9.79
N VAL B 51 0.09 -12.48 10.42
CA VAL B 51 1.12 -13.21 9.72
C VAL B 51 1.44 -14.44 10.56
N HIS B 52 1.89 -15.51 9.90
CA HIS B 52 2.20 -16.79 10.55
C HIS B 52 0.96 -17.34 11.27
N GLY B 53 -0.22 -17.10 10.68
CA GLY B 53 -1.50 -17.49 11.24
C GLY B 53 -1.78 -17.00 12.66
N GLU B 54 -1.22 -15.83 13.00
CA GLU B 54 -1.41 -15.25 14.32
C GLU B 54 -1.47 -13.72 14.25
N GLU B 55 -2.34 -13.12 15.08
CA GLU B 55 -2.48 -11.67 15.15
C GLU B 55 -1.21 -11.08 15.73
N ASP B 56 -0.70 -10.05 15.05
CA ASP B 56 0.44 -9.29 15.51
C ASP B 56 -0.03 -7.85 15.75
N LEU B 57 0.08 -7.43 17.02
CA LEU B 57 -0.34 -6.11 17.44
C LEU B 57 0.83 -5.26 17.91
N LYS B 58 2.03 -5.87 18.02
CA LYS B 58 3.20 -5.15 18.52
C LYS B 58 3.58 -3.94 17.65
N VAL B 59 2.96 -3.82 16.47
CA VAL B 59 3.14 -2.68 15.56
C VAL B 59 1.90 -1.77 15.48
N GLN B 60 0.83 -2.14 16.20
CA GLN B 60 -0.44 -1.42 16.13
C GLN B 60 -0.34 -0.03 16.73
N HIS B 61 -0.83 0.98 15.99
CA HIS B 61 -0.79 2.37 16.41
C HIS B 61 -1.68 2.63 17.62
N SER B 62 -1.21 3.51 18.51
CA SER B 62 -1.86 3.89 19.78
C SER B 62 -3.38 3.98 19.70
N SER B 63 -3.87 4.59 18.62
CA SER B 63 -5.29 4.92 18.44
C SER B 63 -6.18 3.69 18.49
N TYR B 64 -5.74 2.65 17.77
CA TYR B 64 -6.55 1.49 17.49
C TYR B 64 -6.53 0.44 18.60
N ARG B 65 -5.74 0.71 19.65
CA ARG B 65 -5.69 -0.14 20.84
C ARG B 65 -7.10 -0.45 21.35
N GLN B 66 -7.38 -1.74 21.53
CA GLN B 66 -8.61 -2.24 22.15
C GLN B 66 -9.91 -2.00 21.36
N ARG B 67 -9.83 -1.39 20.17
CA ARG B 67 -11.01 -1.11 19.34
C ARG B 67 -11.04 -1.80 17.99
N ALA B 68 -9.92 -2.43 17.62
CA ALA B 68 -9.76 -3.05 16.31
C ALA B 68 -9.54 -4.52 16.48
N ARG B 69 -10.27 -5.31 15.68
CA ARG B 69 -10.06 -6.73 15.60
C ARG B 69 -10.38 -7.21 14.21
N LEU B 70 -9.63 -8.22 13.78
CA LEU B 70 -9.89 -8.97 12.57
C LEU B 70 -10.81 -10.15 12.93
N LEU B 71 -11.86 -10.33 12.14
CA LEU B 71 -12.78 -11.47 12.36
C LEU B 71 -12.14 -12.72 11.77
N LYS B 72 -11.40 -13.45 12.59
CA LYS B 72 -10.49 -14.49 12.15
C LYS B 72 -11.21 -15.67 11.51
N ASP B 73 -12.47 -15.87 11.89
CA ASP B 73 -13.26 -16.96 11.34
C ASP B 73 -13.61 -16.74 9.86
N GLN B 74 -13.88 -15.48 9.49
CA GLN B 74 -14.22 -15.09 8.11
C GLN B 74 -13.05 -15.36 7.15
N LEU B 75 -11.82 -15.44 7.67
CA LEU B 75 -10.62 -15.70 6.87
C LEU B 75 -10.72 -16.96 6.00
N SER B 76 -11.31 -18.03 6.55
CA SER B 76 -11.52 -19.30 5.85
C SER B 76 -12.40 -19.14 4.62
N LEU B 77 -13.34 -18.19 4.70
CA LEU B 77 -14.23 -17.82 3.61
C LEU B 77 -13.63 -16.78 2.62
N GLY B 78 -12.37 -16.41 2.82
CA GLY B 78 -11.72 -15.40 2.03
C GLY B 78 -12.17 -13.98 2.34
N ASN B 79 -12.45 -13.72 3.62
CA ASN B 79 -12.95 -12.44 4.05
C ASN B 79 -12.13 -11.90 5.20
N ALA B 80 -11.28 -10.93 4.88
CA ALA B 80 -10.48 -10.19 5.85
C ALA B 80 -11.28 -9.00 6.34
N ALA B 81 -12.18 -9.22 7.29
CA ALA B 81 -13.07 -8.18 7.76
C ALA B 81 -12.51 -7.54 9.01
N LEU B 82 -12.40 -6.21 8.96
CA LEU B 82 -11.86 -5.40 10.04
C LEU B 82 -13.03 -4.76 10.74
N GLN B 83 -13.12 -4.98 12.05
CA GLN B 83 -14.16 -4.39 12.87
C GLN B 83 -13.52 -3.37 13.77
N ILE B 84 -13.99 -2.12 13.67
CA ILE B 84 -13.62 -1.04 14.59
C ILE B 84 -14.83 -0.69 15.46
N THR B 85 -14.67 -0.77 16.78
CA THR B 85 -15.72 -0.41 17.72
C THR B 85 -15.57 1.06 18.13
N ASP B 86 -16.70 1.67 18.53
CA ASP B 86 -16.75 3.04 19.08
C ASP B 86 -16.03 4.05 18.18
N VAL B 87 -16.59 4.24 16.97
CA VAL B 87 -15.95 4.99 15.91
C VAL B 87 -15.80 6.45 16.32
N LYS B 88 -14.59 6.97 16.07
CA LYS B 88 -14.23 8.36 16.31
C LYS B 88 -14.10 9.12 14.99
N LEU B 89 -14.04 10.45 15.10
CA LEU B 89 -13.77 11.32 13.96
C LEU B 89 -12.37 11.08 13.37
N GLN B 90 -11.40 10.83 14.24
CA GLN B 90 -10.05 10.47 13.81
C GLN B 90 -10.00 9.16 13.00
N ASP B 91 -11.07 8.35 13.07
CA ASP B 91 -11.19 7.15 12.25
C ASP B 91 -11.61 7.44 10.79
N ALA B 92 -12.10 8.64 10.52
CA ALA B 92 -12.38 9.03 9.14
C ALA B 92 -11.03 9.00 8.43
N GLY B 93 -11.04 8.60 7.15
CA GLY B 93 -9.85 8.60 6.31
C GLY B 93 -9.74 7.39 5.41
N VAL B 94 -8.57 7.25 4.75
CA VAL B 94 -8.30 6.15 3.83
C VAL B 94 -7.65 4.94 4.52
N TYR B 95 -8.30 3.78 4.38
CA TYR B 95 -7.84 2.48 4.88
C TYR B 95 -7.33 1.64 3.74
N ARG B 96 -6.32 0.81 4.02
CA ARG B 96 -5.80 -0.16 3.06
C ARG B 96 -5.77 -1.56 3.69
N CYS B 97 -6.31 -2.54 2.98
CA CYS B 97 -6.09 -3.94 3.31
C CYS B 97 -5.13 -4.51 2.28
N MET B 98 -4.04 -5.08 2.79
CA MET B 98 -3.04 -5.74 1.98
C MET B 98 -3.08 -7.23 2.36
N ILE B 99 -3.29 -8.08 1.34
CA ILE B 99 -3.40 -9.51 1.53
C ILE B 99 -2.44 -10.26 0.63
N SER B 100 -1.68 -11.18 1.26
CA SER B 100 -0.77 -12.07 0.58
C SER B 100 -1.24 -13.50 0.87
N TYR B 101 -1.59 -14.23 -0.20
CA TYR B 101 -2.00 -15.64 -0.11
C TYR B 101 -1.78 -16.31 -1.47
N GLY B 102 -0.50 -16.53 -1.79
CA GLY B 102 -0.08 -16.97 -3.12
C GLY B 102 0.39 -15.72 -3.80
N GLY B 103 -0.53 -15.06 -4.53
CA GLY B 103 -0.33 -13.72 -5.05
C GLY B 103 -0.52 -12.70 -3.94
N ALA B 104 -0.55 -11.42 -4.33
CA ALA B 104 -0.67 -10.30 -3.41
C ALA B 104 -1.35 -9.11 -4.11
N ASP B 105 -2.12 -8.35 -3.34
CA ASP B 105 -2.87 -7.24 -3.87
C ASP B 105 -3.34 -6.41 -2.69
N TYR B 106 -3.93 -5.26 -2.98
CA TYR B 106 -4.53 -4.42 -1.95
C TYR B 106 -5.68 -3.70 -2.53
N LYS B 107 -6.51 -3.17 -1.65
CA LYS B 107 -7.55 -2.23 -2.01
C LYS B 107 -7.56 -1.14 -0.94
N ARG B 108 -7.98 0.06 -1.36
CA ARG B 108 -8.18 1.17 -0.47
C ARG B 108 -9.66 1.33 -0.21
N ILE B 109 -10.01 1.75 1.00
CA ILE B 109 -11.40 2.01 1.42
C ILE B 109 -11.44 3.34 2.14
N THR B 110 -12.42 4.17 1.76
CA THR B 110 -12.61 5.46 2.34
C THR B 110 -13.71 5.35 3.36
N VAL B 111 -13.43 5.84 4.57
CA VAL B 111 -14.35 5.89 5.68
C VAL B 111 -14.64 7.34 6.03
N LYS B 112 -15.93 7.70 6.08
CA LYS B 112 -16.40 9.03 6.45
C LYS B 112 -17.21 8.92 7.72
N VAL B 113 -16.98 9.83 8.68
CA VAL B 113 -17.63 9.81 9.99
C VAL B 113 -18.55 11.01 10.16
N ASN B 114 -19.86 10.72 10.29
CA ASN B 114 -20.86 11.73 10.61
C ASN B 114 -20.88 11.85 12.14
N ALA B 115 -21.02 13.09 12.65
CA ALA B 115 -20.88 13.33 14.08
C ALA B 115 -21.77 14.45 14.57
N PRO B 116 -22.31 14.34 15.80
CA PRO B 116 -23.01 15.46 16.43
C PRO B 116 -21.98 16.50 16.84
N TYR B 117 -22.41 17.75 17.04
CA TYR B 117 -21.59 18.95 17.41
C TYR B 117 -20.30 18.57 18.17
N ALA B 118 -19.30 18.18 17.37
CA ALA B 118 -18.03 17.59 17.84
C ALA B 118 -16.95 18.65 17.93
N ALA B 119 -17.21 19.58 18.83
CA ALA B 119 -16.22 20.57 19.21
C ALA B 119 -14.96 19.86 19.73
N ALA B 120 -15.15 18.78 20.50
CA ALA B 120 -14.11 17.97 21.11
C ALA B 120 -12.95 17.61 20.18
N LEU B 121 -13.23 17.12 18.96
CA LEU B 121 -12.15 16.85 18.01
C LEU B 121 -11.46 18.14 17.52
N GLU B 122 -12.22 19.22 17.44
CA GLU B 122 -11.64 20.55 17.20
C GLU B 122 -10.89 20.99 18.49
N HIS B 123 -9.57 20.70 18.54
CA HIS B 123 -8.70 20.82 19.73
C HIS B 123 -8.23 19.44 20.19
#